data_1DZF
#
_entry.id   1DZF
#
_cell.length_a   45.050
_cell.length_b   82.220
_cell.length_c   134.810
_cell.angle_alpha   90.00
_cell.angle_beta   90.00
_cell.angle_gamma   90.00
#
_symmetry.space_group_name_H-M   'C 2 2 21'
#
loop_
_entity.id
_entity.type
_entity.pdbx_description
1 polymer 'DNA-DIRECTED RNA POLYMERASES I, II, AND III SUBUNIT RPABC 1'
2 water water
#
_entity_poly.entity_id   1
_entity_poly.type   'polypeptide(L)'
_entity_poly.pdbx_seq_one_letter_code
;MDQENERNISRLWRAFRTVKEMVKDRGYFITQEEVELPLEDFKAKYCDSMGRPQRKMMSFQANPTEESISKFPDMGSLWV
EFCDEPSVGVKTMKTFVIHIQEKNFQTGIFVYQNNITPSAMKLVPSIPPATIETFNEAALVVNITHHELVPKHIRLSSDE
KRELLKRYRLKESQLPRIQRADPVALYLGLKRGEVVKIIRKSETSGRYASYRICM
;
_entity_poly.pdbx_strand_id   A
#
# COMPACT_ATOMS: atom_id res chain seq x y z
N ASN A 5 24.94 8.14 10.42
CA ASN A 5 23.63 8.26 11.03
C ASN A 5 22.92 9.51 10.55
N GLU A 6 22.97 9.75 9.25
CA GLU A 6 22.30 10.91 8.66
C GLU A 6 21.73 10.38 7.37
N ARG A 7 22.38 9.34 6.88
CA ARG A 7 21.98 8.67 5.66
C ARG A 7 20.88 7.69 5.99
N ASN A 8 20.65 7.48 7.27
CA ASN A 8 19.60 6.59 7.70
C ASN A 8 18.32 7.40 7.83
N ILE A 9 18.48 8.71 8.01
CA ILE A 9 17.34 9.62 8.07
C ILE A 9 16.87 9.71 6.60
N SER A 10 17.83 9.90 5.70
CA SER A 10 17.51 9.98 4.29
C SER A 10 16.80 8.71 3.78
N ARG A 11 17.25 7.55 4.24
CA ARG A 11 16.63 6.29 3.82
C ARG A 11 15.20 6.18 4.35
N LEU A 12 14.99 6.67 5.58
CA LEU A 12 13.67 6.63 6.18
C LEU A 12 12.74 7.59 5.45
N TRP A 13 13.24 8.79 5.14
CA TRP A 13 12.45 9.80 4.44
C TRP A 13 12.05 9.27 3.06
N ARG A 14 12.92 8.48 2.43
CA ARG A 14 12.61 7.91 1.11
C ARG A 14 11.61 6.74 1.24
N ALA A 15 11.69 5.98 2.34
CA ALA A 15 10.76 4.86 2.57
C ALA A 15 9.39 5.47 2.80
N PHE A 16 9.38 6.61 3.48
CA PHE A 16 8.17 7.36 3.80
C PHE A 16 7.50 7.80 2.50
N ARG A 17 8.29 8.32 1.57
CA ARG A 17 7.78 8.78 0.28
C ARG A 17 7.18 7.64 -0.51
N THR A 18 7.80 6.48 -0.46
CA THR A 18 7.30 5.31 -1.19
C THR A 18 5.98 4.82 -0.62
N VAL A 19 5.85 4.85 0.70
CA VAL A 19 4.61 4.41 1.32
C VAL A 19 3.50 5.35 0.89
N LYS A 20 3.77 6.65 0.83
CA LYS A 20 2.74 7.62 0.42
C LYS A 20 2.34 7.41 -1.04
N GLU A 21 3.30 7.06 -1.88
CA GLU A 21 3.04 6.82 -3.30
C GLU A 21 2.18 5.56 -3.44
N MET A 22 2.50 4.53 -2.65
CA MET A 22 1.76 3.27 -2.69
C MET A 22 0.30 3.50 -2.33
N VAL A 23 0.09 4.30 -1.29
CA VAL A 23 -1.24 4.63 -0.80
C VAL A 23 -1.97 5.50 -1.82
N LYS A 24 -1.24 6.39 -2.47
CA LYS A 24 -1.86 7.24 -3.48
C LYS A 24 -2.26 6.35 -4.66
N ASP A 25 -1.33 5.48 -5.09
CA ASP A 25 -1.58 4.57 -6.21
C ASP A 25 -2.74 3.60 -5.95
N ARG A 26 -2.99 3.26 -4.69
CA ARG A 26 -4.09 2.37 -4.37
C ARG A 26 -5.42 3.11 -4.48
N GLY A 27 -5.36 4.43 -4.60
CA GLY A 27 -6.58 5.20 -4.73
C GLY A 27 -7.02 6.02 -3.53
N TYR A 28 -6.15 6.17 -2.54
CA TYR A 28 -6.50 6.97 -1.37
C TYR A 28 -6.04 8.41 -1.58
N PHE A 29 -6.59 9.32 -0.81
CA PHE A 29 -6.23 10.71 -0.95
C PHE A 29 -4.97 11.13 -0.21
N ILE A 30 -3.96 11.47 -1.01
CA ILE A 30 -2.66 11.95 -0.57
C ILE A 30 -2.25 12.94 -1.66
N THR A 31 -1.86 14.15 -1.31
CA THR A 31 -1.45 15.11 -2.34
C THR A 31 -0.04 14.79 -2.86
N GLN A 32 0.21 15.12 -4.12
CA GLN A 32 1.54 14.88 -4.67
C GLN A 32 2.54 15.77 -3.95
N GLU A 33 2.08 16.93 -3.51
CA GLU A 33 2.95 17.85 -2.80
C GLU A 33 3.42 17.17 -1.51
N GLU A 34 2.56 16.36 -0.90
CA GLU A 34 2.88 15.63 0.31
C GLU A 34 3.86 14.51 -0.01
N VAL A 35 3.59 13.80 -1.11
CA VAL A 35 4.44 12.70 -1.55
C VAL A 35 5.84 13.27 -1.70
N GLU A 36 5.94 14.46 -2.26
CA GLU A 36 7.22 15.12 -2.51
C GLU A 36 7.81 15.96 -1.37
N LEU A 37 7.34 15.73 -0.15
CA LEU A 37 7.82 16.48 1.02
C LEU A 37 9.35 16.56 1.08
N PRO A 38 9.91 17.78 1.06
CA PRO A 38 11.37 18.00 1.11
C PRO A 38 12.02 17.38 2.36
N LEU A 39 13.30 16.99 2.26
CA LEU A 39 14.02 16.37 3.37
C LEU A 39 14.09 17.29 4.60
N GLU A 40 14.36 18.56 4.37
CA GLU A 40 14.45 19.53 5.45
C GLU A 40 13.12 19.60 6.21
N ASP A 41 12.02 19.62 5.47
CA ASP A 41 10.70 19.69 6.08
C ASP A 41 10.45 18.42 6.89
N PHE A 42 10.90 17.29 6.36
CA PHE A 42 10.75 16.01 7.07
C PHE A 42 11.46 16.12 8.43
N LYS A 43 12.71 16.58 8.42
CA LYS A 43 13.47 16.72 9.66
C LYS A 43 12.77 17.69 10.61
N ALA A 44 12.30 18.80 10.08
CA ALA A 44 11.64 19.79 10.91
C ALA A 44 10.38 19.29 11.63
N LYS A 45 9.69 18.33 11.02
CA LYS A 45 8.44 17.84 11.60
C LYS A 45 8.45 16.48 12.25
N TYR A 46 9.20 15.54 11.67
CA TYR A 46 9.23 14.18 12.19
C TYR A 46 10.44 13.77 13.01
N CYS A 47 11.37 14.70 13.21
CA CYS A 47 12.58 14.44 14.01
C CYS A 47 12.48 15.31 15.26
N ASP A 48 13.00 14.81 16.39
CA ASP A 48 12.94 15.56 17.65
C ASP A 48 13.91 16.76 17.69
N SER A 49 13.97 17.43 18.84
CA SER A 49 14.83 18.61 18.99
C SER A 49 16.31 18.31 18.75
N MET A 50 16.71 17.05 18.96
CA MET A 50 18.10 16.64 18.76
C MET A 50 18.36 16.13 17.34
N GLY A 51 17.33 16.18 16.50
CA GLY A 51 17.46 15.74 15.11
C GLY A 51 17.32 14.25 14.82
N ARG A 52 16.74 13.51 15.75
CA ARG A 52 16.54 12.06 15.59
C ARG A 52 15.11 11.75 15.18
N PRO A 53 14.95 10.81 14.24
CA PRO A 53 13.63 10.42 13.75
C PRO A 53 12.72 9.76 14.77
N GLN A 54 11.50 10.27 14.85
CA GLN A 54 10.49 9.73 15.75
C GLN A 54 9.37 9.17 14.85
N ARG A 55 9.46 7.88 14.56
CA ARG A 55 8.51 7.22 13.71
C ARG A 55 7.05 7.33 14.21
N LYS A 56 6.88 7.45 15.52
CA LYS A 56 5.53 7.59 16.11
C LYS A 56 4.83 8.85 15.62
N MET A 57 5.61 9.79 15.08
CA MET A 57 5.04 11.02 14.54
C MET A 57 4.68 10.87 13.06
N MET A 58 5.16 9.80 12.42
CA MET A 58 4.95 9.54 10.99
C MET A 58 3.65 8.78 10.63
N SER A 59 3.21 7.88 11.51
CA SER A 59 1.99 7.09 11.29
C SER A 59 0.82 7.99 10.85
N PHE A 60 -0.02 7.48 9.94
CA PHE A 60 -1.14 8.30 9.43
C PHE A 60 -2.30 7.51 8.86
N GLN A 61 -3.45 8.18 8.77
CA GLN A 61 -4.66 7.57 8.21
C GLN A 61 -4.92 8.14 6.82
N ALA A 62 -5.58 7.35 5.97
CA ALA A 62 -5.90 7.81 4.62
C ALA A 62 -7.32 7.35 4.25
N ASN A 63 -8.05 8.21 3.56
CA ASN A 63 -9.40 7.90 3.10
C ASN A 63 -9.43 7.84 1.57
N PRO A 64 -10.41 7.14 0.98
CA PRO A 64 -10.52 7.06 -0.49
C PRO A 64 -10.76 8.44 -1.10
N THR A 65 -10.34 8.62 -2.35
CA THR A 65 -10.59 9.91 -3.01
C THR A 65 -12.07 9.86 -3.37
N GLU A 66 -12.61 10.98 -3.83
CA GLU A 66 -14.00 11.05 -4.22
C GLU A 66 -14.18 10.14 -5.44
N GLU A 67 -13.21 10.17 -6.34
CA GLU A 67 -13.29 9.31 -7.52
C GLU A 67 -13.24 7.82 -7.13
N SER A 68 -12.44 7.48 -6.13
CA SER A 68 -12.35 6.09 -5.71
C SER A 68 -13.61 5.59 -5.00
N ILE A 69 -14.21 6.42 -4.15
CA ILE A 69 -15.38 5.95 -3.42
C ILE A 69 -16.61 5.72 -4.31
N SER A 70 -16.68 6.41 -5.44
CA SER A 70 -17.82 6.22 -6.35
C SER A 70 -17.71 4.90 -7.13
N LYS A 71 -16.47 4.48 -7.39
CA LYS A 71 -16.18 3.24 -8.11
C LYS A 71 -16.10 2.05 -7.17
N PHE A 72 -15.65 2.30 -5.94
CA PHE A 72 -15.51 1.25 -4.92
C PHE A 72 -16.28 1.68 -3.65
N PRO A 73 -17.60 1.49 -3.65
CA PRO A 73 -18.52 1.83 -2.57
C PRO A 73 -18.15 1.28 -1.22
N ASP A 74 -17.55 0.09 -1.21
CA ASP A 74 -17.19 -0.56 0.05
C ASP A 74 -15.74 -0.35 0.47
N MET A 75 -15.06 0.57 -0.20
CA MET A 75 -13.67 0.88 0.14
C MET A 75 -13.65 1.69 1.43
N GLY A 76 -12.87 1.22 2.40
CA GLY A 76 -12.77 1.92 3.66
C GLY A 76 -11.50 2.73 3.88
N SER A 77 -11.26 3.03 5.15
CA SER A 77 -10.10 3.79 5.61
C SER A 77 -8.88 2.89 5.75
N LEU A 78 -7.71 3.51 5.71
CA LEU A 78 -6.44 2.78 5.81
C LEU A 78 -5.57 3.44 6.88
N TRP A 79 -4.79 2.64 7.60
CA TRP A 79 -3.87 3.14 8.63
C TRP A 79 -2.46 2.63 8.34
N VAL A 80 -1.49 3.56 8.33
CA VAL A 80 -0.08 3.23 8.09
C VAL A 80 0.70 3.40 9.40
N GLU A 81 1.32 2.33 9.88
CA GLU A 81 2.08 2.44 11.11
C GLU A 81 3.56 2.17 10.87
N PHE A 82 4.42 3.07 11.35
CA PHE A 82 5.86 2.86 11.25
C PHE A 82 6.26 2.44 12.67
N CYS A 83 6.51 1.14 12.84
CA CYS A 83 6.86 0.59 14.13
C CYS A 83 8.19 1.10 14.67
N ASP A 84 8.13 1.65 15.88
CA ASP A 84 9.31 2.18 16.52
C ASP A 84 10.11 1.10 17.27
N GLU A 85 9.73 -0.16 17.13
CA GLU A 85 10.46 -1.25 17.78
C GLU A 85 11.14 -2.10 16.70
N PRO A 86 12.48 -1.97 16.57
CA PRO A 86 13.29 -2.71 15.59
C PRO A 86 12.83 -4.13 15.30
N SER A 87 12.75 -4.94 16.34
CA SER A 87 12.27 -6.29 16.18
C SER A 87 10.90 -6.26 16.85
N VAL A 88 9.85 -6.49 16.06
CA VAL A 88 8.49 -6.44 16.56
C VAL A 88 7.98 -7.70 17.28
N GLY A 89 7.68 -7.52 18.57
CA GLY A 89 7.20 -8.61 19.39
C GLY A 89 5.69 -8.70 19.42
N VAL A 90 5.19 -9.83 19.91
CA VAL A 90 3.75 -10.10 19.99
C VAL A 90 2.94 -8.96 20.64
N LYS A 91 3.43 -8.42 21.75
CA LYS A 91 2.70 -7.34 22.41
C LYS A 91 2.62 -6.05 21.59
N THR A 92 3.68 -5.71 20.86
CA THR A 92 3.66 -4.50 20.03
C THR A 92 2.68 -4.67 18.86
N MET A 93 2.63 -5.87 18.30
CA MET A 93 1.73 -6.16 17.18
C MET A 93 0.27 -6.09 17.65
N LYS A 94 0.01 -6.69 18.81
CA LYS A 94 -1.34 -6.71 19.38
C LYS A 94 -1.92 -5.31 19.62
N THR A 95 -1.08 -4.38 20.03
CA THR A 95 -1.56 -3.03 20.29
C THR A 95 -1.87 -2.36 18.94
N PHE A 96 -1.17 -2.76 17.89
CA PHE A 96 -1.40 -2.19 16.57
C PHE A 96 -2.75 -2.74 16.04
N VAL A 97 -2.93 -4.05 16.23
CA VAL A 97 -4.15 -4.75 15.81
C VAL A 97 -5.36 -4.15 16.53
N ILE A 98 -5.21 -3.89 17.83
CA ILE A 98 -6.26 -3.28 18.63
C ILE A 98 -6.66 -1.90 18.06
N HIS A 99 -5.69 -1.13 17.60
CA HIS A 99 -5.96 0.17 17.02
C HIS A 99 -6.77 0.05 15.71
N ILE A 100 -6.33 -0.84 14.83
CA ILE A 100 -7.01 -1.08 13.56
C ILE A 100 -8.48 -1.42 13.79
N GLN A 101 -8.72 -2.38 14.68
CA GLN A 101 -10.08 -2.81 14.97
C GLN A 101 -10.98 -1.75 15.59
N GLU A 102 -10.52 -1.15 16.68
CA GLU A 102 -11.30 -0.15 17.39
C GLU A 102 -11.56 1.12 16.59
N LYS A 103 -10.61 1.53 15.74
CA LYS A 103 -10.82 2.74 14.97
C LYS A 103 -11.48 2.41 13.63
N ASN A 104 -11.89 1.14 13.48
CA ASN A 104 -12.58 0.68 12.29
C ASN A 104 -11.85 0.94 10.97
N PHE A 105 -10.57 0.59 10.91
CA PHE A 105 -9.79 0.75 9.69
C PHE A 105 -10.00 -0.54 8.91
N GLN A 106 -10.05 -0.45 7.59
CA GLN A 106 -10.26 -1.64 6.77
C GLN A 106 -8.92 -2.26 6.40
N THR A 107 -7.89 -1.42 6.30
CA THR A 107 -6.55 -1.90 5.96
C THR A 107 -5.54 -1.27 6.91
N GLY A 108 -4.56 -2.07 7.32
CA GLY A 108 -3.51 -1.57 8.20
C GLY A 108 -2.17 -1.89 7.56
N ILE A 109 -1.42 -0.86 7.20
CA ILE A 109 -0.12 -1.06 6.60
C ILE A 109 0.89 -1.00 7.75
N PHE A 110 1.56 -2.12 7.97
CA PHE A 110 2.53 -2.23 9.07
C PHE A 110 3.97 -2.26 8.56
N VAL A 111 4.67 -1.15 8.75
CA VAL A 111 6.07 -1.04 8.35
C VAL A 111 6.98 -1.31 9.55
N TYR A 112 7.93 -2.23 9.36
CA TYR A 112 8.85 -2.57 10.44
C TYR A 112 10.29 -2.41 9.96
N GLN A 113 11.20 -2.27 10.92
CA GLN A 113 12.62 -2.06 10.65
C GLN A 113 13.46 -3.30 10.38
N ASN A 114 13.52 -4.23 11.31
CA ASN A 114 14.34 -5.41 11.10
C ASN A 114 13.55 -6.70 10.91
N ASN A 115 12.69 -7.07 11.87
CA ASN A 115 11.89 -8.30 11.75
C ASN A 115 10.65 -8.28 12.63
N ILE A 116 9.81 -9.31 12.43
CA ILE A 116 8.58 -9.47 13.20
C ILE A 116 8.55 -10.88 13.79
N THR A 117 8.34 -10.98 15.10
CA THR A 117 8.27 -12.25 15.83
C THR A 117 7.28 -13.25 15.23
N PRO A 118 7.60 -14.55 15.31
CA PRO A 118 6.69 -15.56 14.76
C PRO A 118 5.33 -15.47 15.45
N SER A 119 5.37 -15.22 16.75
CA SER A 119 4.15 -15.09 17.54
C SER A 119 3.39 -13.86 17.07
N ALA A 120 4.13 -12.78 16.81
CA ALA A 120 3.54 -11.53 16.34
C ALA A 120 2.87 -11.77 14.99
N MET A 121 3.55 -12.52 14.13
CA MET A 121 3.02 -12.80 12.80
C MET A 121 1.71 -13.59 12.85
N LYS A 122 1.50 -14.37 13.90
CA LYS A 122 0.27 -15.12 14.03
C LYS A 122 -0.92 -14.20 14.17
N LEU A 123 -0.69 -12.93 14.49
CA LEU A 123 -1.76 -11.95 14.68
C LEU A 123 -2.22 -11.19 13.44
N VAL A 124 -1.51 -11.34 12.32
CA VAL A 124 -1.87 -10.62 11.10
C VAL A 124 -3.30 -10.90 10.56
N PRO A 125 -3.75 -12.15 10.60
CA PRO A 125 -5.10 -12.41 10.09
C PRO A 125 -6.13 -12.60 11.20
N SER A 126 -5.86 -12.06 12.38
CA SER A 126 -6.75 -12.21 13.54
C SER A 126 -7.98 -11.34 13.68
N ILE A 127 -8.15 -10.35 12.81
CA ILE A 127 -9.31 -9.48 12.94
C ILE A 127 -10.15 -9.24 11.66
N PRO A 128 -10.65 -10.33 11.03
CA PRO A 128 -11.45 -10.12 9.83
C PRO A 128 -12.65 -9.23 10.18
N PRO A 129 -13.21 -8.50 9.19
CA PRO A 129 -12.84 -8.40 7.76
C PRO A 129 -11.69 -7.44 7.44
N ALA A 130 -10.97 -6.98 8.46
CA ALA A 130 -9.86 -6.08 8.21
C ALA A 130 -8.65 -6.90 7.79
N THR A 131 -7.78 -6.31 6.99
CA THR A 131 -6.57 -6.98 6.56
C THR A 131 -5.33 -6.19 6.99
N ILE A 132 -4.27 -6.91 7.37
CA ILE A 132 -3.04 -6.24 7.77
C ILE A 132 -1.94 -6.70 6.82
N GLU A 133 -1.15 -5.75 6.33
CA GLU A 133 -0.06 -6.04 5.43
C GLU A 133 1.24 -5.55 6.09
N THR A 134 2.31 -6.31 5.91
CA THR A 134 3.61 -5.94 6.49
C THR A 134 4.65 -5.66 5.40
N PHE A 135 5.45 -4.63 5.65
CA PHE A 135 6.50 -4.19 4.73
C PHE A 135 7.77 -3.82 5.50
N ASN A 136 8.92 -4.27 5.00
CA ASN A 136 10.22 -3.97 5.60
C ASN A 136 10.69 -2.60 5.08
N GLU A 137 11.16 -1.75 5.99
CA GLU A 137 11.64 -0.43 5.60
C GLU A 137 12.67 -0.45 4.48
N ALA A 138 13.61 -1.39 4.53
CA ALA A 138 14.65 -1.47 3.53
C ALA A 138 14.11 -1.68 2.10
N ALA A 139 12.97 -2.34 2.00
CA ALA A 139 12.35 -2.65 0.72
C ALA A 139 11.55 -1.48 0.17
N LEU A 140 11.30 -0.49 1.02
CA LEU A 140 10.54 0.70 0.63
C LEU A 140 11.39 1.90 0.23
N VAL A 141 12.71 1.82 0.42
CA VAL A 141 13.58 2.94 0.06
C VAL A 141 13.47 3.28 -1.42
N VAL A 142 13.32 2.25 -2.24
CA VAL A 142 13.14 2.46 -3.67
C VAL A 142 11.78 1.84 -4.05
N ASN A 143 10.95 2.63 -4.73
CA ASN A 143 9.62 2.15 -5.17
C ASN A 143 9.79 1.21 -6.38
N ILE A 144 9.69 -0.08 -6.16
CA ILE A 144 9.87 -1.03 -7.26
C ILE A 144 8.99 -0.81 -8.49
N THR A 145 7.84 -0.18 -8.33
CA THR A 145 6.95 0.06 -9.46
C THR A 145 7.38 1.25 -10.32
N HIS A 146 8.38 2.00 -9.88
CA HIS A 146 8.88 3.16 -10.64
C HIS A 146 9.93 2.80 -11.71
N HIS A 147 10.17 1.51 -11.92
CA HIS A 147 11.13 1.07 -12.93
C HIS A 147 10.52 1.26 -14.31
N GLU A 148 11.35 1.69 -15.26
CA GLU A 148 10.87 1.93 -16.63
C GLU A 148 10.18 0.71 -17.23
N LEU A 149 10.68 -0.49 -16.98
CA LEU A 149 10.09 -1.67 -17.58
C LEU A 149 8.97 -2.34 -16.79
N VAL A 150 8.45 -1.65 -15.79
CA VAL A 150 7.33 -2.14 -15.00
C VAL A 150 6.14 -1.28 -15.43
N PRO A 151 5.17 -1.88 -16.11
CA PRO A 151 4.02 -1.09 -16.57
C PRO A 151 3.11 -0.63 -15.44
N LYS A 152 2.19 0.27 -15.78
CA LYS A 152 1.22 0.82 -14.84
C LYS A 152 0.12 -0.19 -14.58
N HIS A 153 -0.10 -0.54 -13.32
CA HIS A 153 -1.15 -1.48 -12.95
C HIS A 153 -2.28 -0.67 -12.25
N ILE A 154 -3.51 -0.80 -12.77
CA ILE A 154 -4.65 -0.07 -12.22
C ILE A 154 -5.82 -1.00 -11.94
N ARG A 155 -6.27 -1.03 -10.69
CA ARG A 155 -7.37 -1.90 -10.27
C ARG A 155 -8.69 -1.41 -10.86
N LEU A 156 -9.47 -2.35 -11.40
CA LEU A 156 -10.77 -2.05 -12.01
C LEU A 156 -11.88 -2.20 -10.97
N SER A 157 -12.94 -1.42 -11.14
CA SER A 157 -14.07 -1.52 -10.24
C SER A 157 -14.87 -2.72 -10.67
N SER A 158 -15.81 -3.14 -9.82
CA SER A 158 -16.64 -4.30 -10.12
C SER A 158 -17.42 -4.03 -11.40
N ASP A 159 -17.85 -2.78 -11.57
CA ASP A 159 -18.57 -2.41 -12.78
C ASP A 159 -17.67 -2.59 -14.00
N GLU A 160 -16.46 -2.02 -13.95
CA GLU A 160 -15.50 -2.12 -15.05
C GLU A 160 -15.21 -3.57 -15.41
N LYS A 161 -15.05 -4.41 -14.39
CA LYS A 161 -14.76 -5.83 -14.58
C LYS A 161 -15.92 -6.54 -15.30
N ARG A 162 -17.14 -6.24 -14.85
CA ARG A 162 -18.30 -6.83 -15.45
C ARG A 162 -18.33 -6.40 -16.93
N GLU A 163 -18.13 -5.12 -17.18
CA GLU A 163 -18.14 -4.58 -18.54
C GLU A 163 -17.06 -5.19 -19.43
N LEU A 164 -15.96 -5.61 -18.81
CA LEU A 164 -14.84 -6.21 -19.55
C LEU A 164 -15.21 -7.61 -19.96
N LEU A 165 -15.75 -8.35 -18.99
CA LEU A 165 -16.14 -9.73 -19.21
C LEU A 165 -17.29 -9.84 -20.19
N LYS A 166 -18.16 -8.84 -20.22
CA LYS A 166 -19.28 -8.84 -21.13
C LYS A 166 -18.78 -8.52 -22.54
N ARG A 167 -17.94 -7.49 -22.64
CA ARG A 167 -17.41 -7.07 -23.94
C ARG A 167 -16.58 -8.11 -24.71
N TYR A 168 -15.97 -9.07 -24.02
CA TYR A 168 -15.15 -10.09 -24.67
C TYR A 168 -15.65 -11.52 -24.56
N ARG A 169 -16.89 -11.68 -24.13
CA ARG A 169 -17.51 -12.99 -23.98
C ARG A 169 -16.62 -13.94 -23.21
N LEU A 170 -16.30 -13.58 -21.97
CA LEU A 170 -15.44 -14.43 -21.17
C LEU A 170 -15.89 -14.54 -19.72
N LYS A 171 -15.51 -15.64 -19.10
CA LYS A 171 -15.81 -15.88 -17.70
C LYS A 171 -14.56 -15.35 -17.01
N GLU A 172 -14.66 -15.00 -15.74
CA GLU A 172 -13.49 -14.46 -15.04
C GLU A 172 -12.38 -15.51 -14.95
N SER A 173 -12.76 -16.78 -14.96
CA SER A 173 -11.81 -17.87 -14.88
C SER A 173 -10.94 -18.01 -16.14
N GLN A 174 -11.34 -17.35 -17.24
CA GLN A 174 -10.60 -17.41 -18.50
C GLN A 174 -9.68 -16.20 -18.78
N LEU A 175 -9.52 -15.32 -17.79
CA LEU A 175 -8.67 -14.15 -17.98
C LEU A 175 -7.25 -14.46 -17.53
N PRO A 176 -6.25 -13.80 -18.16
CA PRO A 176 -4.85 -14.03 -17.75
C PRO A 176 -4.80 -13.79 -16.23
N ARG A 177 -3.91 -14.48 -15.54
CA ARG A 177 -3.84 -14.33 -14.10
C ARG A 177 -2.60 -13.66 -13.54
N ILE A 178 -2.72 -13.22 -12.29
CA ILE A 178 -1.60 -12.63 -11.57
C ILE A 178 -1.66 -13.25 -10.17
N GLN A 179 -0.54 -13.80 -9.76
CA GLN A 179 -0.43 -14.45 -8.49
C GLN A 179 -0.58 -13.45 -7.38
N ARG A 180 -1.18 -13.91 -6.27
CA ARG A 180 -1.42 -13.08 -5.09
C ARG A 180 -0.13 -12.49 -4.55
N ALA A 181 0.92 -13.30 -4.51
CA ALA A 181 2.24 -12.89 -4.02
C ALA A 181 3.10 -12.13 -5.05
N ASP A 182 2.56 -11.87 -6.24
CA ASP A 182 3.31 -11.12 -7.24
C ASP A 182 3.73 -9.79 -6.62
N PRO A 183 4.98 -9.36 -6.81
CA PRO A 183 5.47 -8.09 -6.22
C PRO A 183 4.60 -6.84 -6.48
N VAL A 184 3.99 -6.74 -7.66
CA VAL A 184 3.13 -5.59 -7.95
C VAL A 184 1.74 -5.78 -7.31
N ALA A 185 1.29 -7.03 -7.20
CA ALA A 185 0.00 -7.30 -6.58
C ALA A 185 0.11 -6.91 -5.09
N LEU A 186 1.24 -7.26 -4.48
CA LEU A 186 1.50 -6.96 -3.06
C LEU A 186 1.53 -5.46 -2.81
N TYR A 187 2.14 -4.74 -3.76
CA TYR A 187 2.26 -3.29 -3.69
C TYR A 187 0.88 -2.62 -3.62
N LEU A 188 -0.04 -3.09 -4.46
CA LEU A 188 -1.40 -2.54 -4.53
C LEU A 188 -2.35 -3.17 -3.51
N GLY A 189 -1.91 -4.25 -2.87
CA GLY A 189 -2.78 -4.95 -1.91
C GLY A 189 -3.93 -5.68 -2.60
N LEU A 190 -3.70 -6.24 -3.78
CA LEU A 190 -4.74 -6.95 -4.53
C LEU A 190 -5.30 -8.17 -3.81
N LYS A 191 -6.58 -8.43 -4.05
CA LYS A 191 -7.28 -9.56 -3.45
C LYS A 191 -7.85 -10.47 -4.51
N ARG A 192 -8.00 -11.75 -4.18
CA ARG A 192 -8.54 -12.76 -5.10
C ARG A 192 -9.81 -12.27 -5.80
N GLY A 193 -9.82 -12.29 -7.14
CA GLY A 193 -10.99 -11.84 -7.89
C GLY A 193 -10.88 -10.45 -8.50
N GLU A 194 -9.97 -9.63 -7.99
CA GLU A 194 -9.80 -8.29 -8.50
C GLU A 194 -9.00 -8.34 -9.79
N VAL A 195 -9.34 -7.46 -10.73
CA VAL A 195 -8.67 -7.37 -12.02
C VAL A 195 -7.86 -6.10 -12.15
N VAL A 196 -6.70 -6.18 -12.80
CA VAL A 196 -5.87 -5.00 -13.01
C VAL A 196 -5.71 -4.74 -14.48
N LYS A 197 -5.78 -3.47 -14.84
CA LYS A 197 -5.56 -3.05 -16.23
C LYS A 197 -4.05 -2.76 -16.26
N ILE A 198 -3.36 -3.24 -17.29
CA ILE A 198 -1.91 -3.07 -17.38
C ILE A 198 -1.48 -2.29 -18.63
N ILE A 199 -0.93 -1.12 -18.39
CA ILE A 199 -0.51 -0.22 -19.46
C ILE A 199 1.00 -0.05 -19.56
N ARG A 200 1.57 -0.60 -20.63
CA ARG A 200 3.01 -0.51 -20.86
C ARG A 200 3.36 0.97 -20.92
N LYS A 201 4.50 1.33 -20.34
CA LYS A 201 4.91 2.71 -20.33
C LYS A 201 5.43 3.17 -21.69
N SER A 202 5.45 2.28 -22.67
CA SER A 202 5.89 2.65 -24.01
C SER A 202 4.68 3.10 -24.86
N GLU A 203 3.48 2.76 -24.40
CA GLU A 203 2.24 3.13 -25.10
C GLU A 203 1.65 4.42 -24.52
N THR A 204 1.13 5.28 -25.39
CA THR A 204 0.58 6.57 -24.96
C THR A 204 -0.93 6.68 -24.97
N SER A 205 -1.60 5.67 -24.42
CA SER A 205 -3.07 5.67 -24.35
C SER A 205 -3.49 4.47 -23.53
N GLY A 206 -4.49 4.66 -22.68
CA GLY A 206 -4.96 3.56 -21.86
C GLY A 206 -5.74 2.53 -22.67
N ARG A 207 -5.74 2.71 -23.98
CA ARG A 207 -6.48 1.81 -24.86
C ARG A 207 -5.68 0.54 -25.20
N TYR A 208 -6.36 -0.60 -25.29
CA TYR A 208 -5.72 -1.90 -25.59
C TYR A 208 -4.78 -2.46 -24.52
N ALA A 209 -4.90 -1.98 -23.31
CA ALA A 209 -4.04 -2.49 -22.25
C ALA A 209 -4.32 -3.98 -22.09
N SER A 210 -3.60 -4.60 -21.17
CA SER A 210 -3.79 -5.99 -20.90
C SER A 210 -4.56 -6.06 -19.56
N TYR A 211 -5.18 -7.21 -19.27
CA TYR A 211 -5.94 -7.43 -18.03
C TYR A 211 -5.54 -8.75 -17.40
N ARG A 212 -5.37 -8.76 -16.08
CA ARG A 212 -5.02 -9.98 -15.35
C ARG A 212 -5.89 -10.05 -14.10
N ILE A 213 -6.36 -11.25 -13.77
CA ILE A 213 -7.19 -11.42 -12.58
C ILE A 213 -6.34 -12.03 -11.47
N CYS A 214 -6.47 -11.49 -10.25
CA CYS A 214 -5.69 -11.94 -9.10
C CYS A 214 -6.17 -13.26 -8.52
N MET A 215 -5.20 -14.10 -8.16
CA MET A 215 -5.50 -15.40 -7.57
C MET A 215 -5.38 -15.36 -6.05
#